data_6IRY
#
_entry.id   6IRY
#
_cell.length_a   71.379
_cell.length_b   82.288
_cell.length_c   92.811
_cell.angle_alpha   90.000
_cell.angle_beta   90.000
_cell.angle_gamma   90.000
#
_symmetry.space_group_name_H-M   'P 21 21 21'
#
loop_
_entity.id
_entity.type
_entity.pdbx_description
1 polymer 'PDX1 C-terminal-inhibiting factor 1'
2 non-polymer S-ADENOSYL-L-HOMOCYSTEINE
3 non-polymer 1,2-ETHANEDIOL
4 water water
#
_entity_poly.entity_id   1
_entity_poly.type   'polypeptide(L)'
_entity_poly.pdbx_seq_one_letter_code
;VYWDLDIQTNAVIRERAPADHLPPHPEIELQRAQLTTKLRQHYHELCSQREGIEPPRESFNRWLLERKVVDKGLDPLLPS
ECDPVISPSMFREIMNDIPIRLSRIKYKEEARKLLFKYAEAAKKMIDSRNVTPESRKVVKWNVEDTMNWLRRDHSASKED
YMDRLENLRKQCGPHVASVAKDSVEGICSKIYHISAEYVRRIRQAHLTLLKECNISVDGTESAEVQDRLVYCYPVRLSIP
APPQTRVELHFENDIACLRFKGEMVKVSRGHFNKLELLYRYSCIDDPRFEKFLSRVWCLIKRYQVMFGSGVNEGSGLQGS
LPVPVFEALNKQFGVTFECFASPLNCYFKQFCSAFPDIDGFFGSRGPFLSFSPASGSFEANPPFCEELMDAMVTHFEDLL
GRSSEPLSFIIFVPEWRDPPTPALTRMEASRFRRHQMTVPAFEHEYRSGSQHICKREEIYYKAIHGTAVIFLQNNAGFAK
WEPTTERIQELLAAYK
;
_entity_poly.pdbx_strand_id   A
#
loop_
_chem_comp.id
_chem_comp.type
_chem_comp.name
_chem_comp.formula
EDO non-polymer 1,2-ETHANEDIOL 'C2 H6 O2'
#
# COMPACT_ATOMS: atom_id res chain seq x y z
N VAL A 1 -4.17 -17.99 -17.62
CA VAL A 1 -3.95 -18.82 -16.45
C VAL A 1 -3.11 -18.06 -15.42
N TYR A 2 -3.70 -17.05 -14.77
CA TYR A 2 -2.99 -16.20 -13.83
C TYR A 2 -3.41 -16.41 -12.38
N TRP A 3 -4.28 -17.39 -12.12
CA TRP A 3 -4.79 -17.65 -10.78
C TRP A 3 -5.33 -19.06 -10.75
N ASP A 4 -5.51 -19.60 -9.54
CA ASP A 4 -6.04 -20.94 -9.37
C ASP A 4 -7.11 -20.87 -8.28
N LEU A 5 -8.35 -20.58 -8.68
CA LEU A 5 -9.43 -20.38 -7.71
C LEU A 5 -10.02 -21.69 -7.22
N ASP A 6 -9.47 -22.83 -7.64
CA ASP A 6 -9.94 -24.13 -7.18
C ASP A 6 -9.31 -24.55 -5.86
N ILE A 7 -8.16 -23.98 -5.49
CA ILE A 7 -7.46 -24.37 -4.29
C ILE A 7 -8.28 -23.94 -3.07
N GLN A 8 -8.55 -24.88 -2.17
CA GLN A 8 -9.36 -24.57 -1.00
C GLN A 8 -8.49 -24.06 0.14
N THR A 9 -9.08 -23.26 1.03
CA THR A 9 -8.31 -22.68 2.12
C THR A 9 -7.85 -23.76 3.10
N ASN A 10 -6.69 -23.54 3.71
CA ASN A 10 -6.38 -24.26 4.95
C ASN A 10 -6.20 -23.31 6.13
N ALA A 11 -6.66 -22.06 5.99
CA ALA A 11 -6.64 -21.11 7.09
C ALA A 11 -7.80 -21.40 8.03
N VAL A 12 -7.51 -21.45 9.33
CA VAL A 12 -8.49 -21.74 10.37
C VAL A 12 -8.55 -20.54 11.30
N ILE A 13 -9.75 -20.00 11.54
CA ILE A 13 -9.97 -18.85 12.40
C ILE A 13 -11.06 -19.16 13.41
N ARG A 14 -11.16 -18.31 14.44
CA ARG A 14 -12.36 -18.28 15.27
C ARG A 14 -13.48 -17.63 14.49
N GLU A 15 -14.69 -18.17 14.62
CA GLU A 15 -15.85 -17.57 13.98
C GLU A 15 -16.02 -16.11 14.43
N ARG A 16 -16.35 -15.24 13.48
CA ARG A 16 -16.46 -13.80 13.71
C ARG A 16 -17.90 -13.37 13.54
N ALA A 17 -18.30 -12.36 14.31
CA ALA A 17 -19.56 -11.69 14.03
C ALA A 17 -19.45 -10.91 12.71
N PRO A 18 -20.56 -10.73 11.99
CA PRO A 18 -20.51 -9.93 10.76
C PRO A 18 -20.12 -8.49 11.06
N ALA A 19 -19.35 -7.92 10.13
CA ALA A 19 -18.75 -6.61 10.26
C ALA A 19 -19.79 -5.51 10.05
N ASP A 20 -19.47 -4.33 10.60
CA ASP A 20 -20.41 -3.21 10.63
C ASP A 20 -20.20 -2.21 9.51
N HIS A 21 -19.41 -2.55 8.47
CA HIS A 21 -19.18 -1.60 7.39
C HIS A 21 -20.48 -1.26 6.68
N LEU A 22 -20.63 -0.01 6.28
CA LEU A 22 -21.81 0.35 5.50
C LEU A 22 -21.70 -0.30 4.14
N PRO A 23 -22.74 -0.96 3.65
CA PRO A 23 -22.62 -1.70 2.37
C PRO A 23 -22.41 -0.75 1.21
N PRO A 24 -21.54 -1.11 0.26
CA PRO A 24 -21.15 -0.17 -0.79
C PRO A 24 -22.27 0.08 -1.80
N HIS A 25 -22.21 1.25 -2.43
CA HIS A 25 -23.20 1.69 -3.41
C HIS A 25 -22.46 2.65 -4.34
N PRO A 26 -22.66 2.57 -5.65
CA PRO A 26 -21.87 3.43 -6.55
C PRO A 26 -22.05 4.93 -6.29
N GLU A 27 -23.24 5.36 -5.84
CA GLU A 27 -23.43 6.77 -5.50
C GLU A 27 -22.42 7.23 -4.46
N ILE A 28 -22.18 6.41 -3.43
CA ILE A 28 -21.23 6.80 -2.38
C ILE A 28 -19.80 6.68 -2.90
N GLU A 29 -19.53 5.63 -3.67
CA GLU A 29 -18.18 5.45 -4.21
C GLU A 29 -17.79 6.60 -5.11
N LEU A 30 -18.74 7.10 -5.91
CA LEU A 30 -18.45 8.23 -6.80
C LEU A 30 -18.12 9.47 -5.99
N GLN A 31 -18.87 9.71 -4.90
CA GLN A 31 -18.58 10.86 -4.06
C GLN A 31 -17.22 10.73 -3.39
N ARG A 32 -16.90 9.53 -2.86
CA ARG A 32 -15.58 9.32 -2.29
C ARG A 32 -14.48 9.55 -3.32
N ALA A 33 -14.68 9.07 -4.55
CA ALA A 33 -13.73 9.33 -5.63
C ALA A 33 -13.53 10.82 -5.86
N GLN A 34 -14.63 11.56 -5.96
CA GLN A 34 -14.53 12.98 -6.27
C GLN A 34 -13.85 13.74 -5.13
N LEU A 35 -14.14 13.38 -3.88
CA LEU A 35 -13.50 14.05 -2.76
C LEU A 35 -12.02 13.66 -2.62
N THR A 36 -11.66 12.42 -2.95
CA THR A 36 -10.27 12.02 -2.88
C THR A 36 -9.45 12.74 -3.95
N THR A 37 -10.03 12.94 -5.13
CA THR A 37 -9.38 13.78 -6.13
C THR A 37 -9.13 15.18 -5.59
N LYS A 38 -10.13 15.77 -4.94
CA LYS A 38 -9.94 17.10 -4.35
C LYS A 38 -8.87 17.07 -3.28
N LEU A 39 -8.83 15.99 -2.48
CA LEU A 39 -7.80 15.90 -1.44
C LEU A 39 -6.39 15.83 -2.05
N ARG A 40 -6.21 15.04 -3.11
CA ARG A 40 -4.91 15.07 -3.80
C ARG A 40 -4.58 16.47 -4.31
N GLN A 41 -5.59 17.22 -4.75
CA GLN A 41 -5.37 18.59 -5.22
C GLN A 41 -4.92 19.50 -4.09
N HIS A 42 -5.56 19.40 -2.93
CA HIS A 42 -5.12 20.15 -1.75
C HIS A 42 -3.67 19.84 -1.40
N TYR A 43 -3.30 18.55 -1.47
CA TYR A 43 -1.94 18.14 -1.17
C TYR A 43 -0.96 18.76 -2.17
N HIS A 44 -1.33 18.78 -3.45
CA HIS A 44 -0.50 19.42 -4.47
C HIS A 44 -0.33 20.91 -4.18
N GLU A 45 -1.42 21.60 -3.82
CA GLU A 45 -1.32 23.04 -3.54
C GLU A 45 -0.50 23.32 -2.29
N LEU A 46 -0.65 22.49 -1.26
CA LEU A 46 0.13 22.71 -0.03
C LEU A 46 1.62 22.54 -0.29
N CYS A 47 2.00 21.48 -1.01
CA CYS A 47 3.41 21.28 -1.29
C CYS A 47 3.98 22.42 -2.11
N SER A 48 3.18 22.92 -3.07
CA SER A 48 3.65 24.01 -3.92
C SER A 48 3.77 25.31 -3.14
N GLN A 49 2.72 25.67 -2.39
CA GLN A 49 2.70 26.97 -1.73
C GLN A 49 3.66 27.03 -0.56
N ARG A 50 3.78 25.96 0.22
CA ARG A 50 4.61 25.97 1.41
C ARG A 50 6.07 25.65 1.12
N GLU A 51 6.36 24.77 0.15
CA GLU A 51 7.74 24.37 -0.09
C GLU A 51 8.20 24.45 -1.54
N GLY A 52 7.35 24.93 -2.45
CA GLY A 52 7.77 25.07 -3.84
C GLY A 52 8.12 23.77 -4.52
N ILE A 53 7.53 22.65 -4.11
CA ILE A 53 7.82 21.37 -4.73
C ILE A 53 6.53 20.69 -5.14
N GLU A 54 6.65 19.75 -6.08
CA GLU A 54 5.58 18.82 -6.35
C GLU A 54 5.45 17.83 -5.19
N PRO A 55 4.27 17.25 -4.99
CA PRO A 55 4.15 16.17 -4.00
C PRO A 55 5.09 15.04 -4.37
N PRO A 56 5.88 14.54 -3.42
CA PRO A 56 6.78 13.44 -3.72
C PRO A 56 6.01 12.28 -4.33
N ARG A 57 6.59 11.66 -5.36
CA ARG A 57 5.85 10.65 -6.11
C ARG A 57 5.48 9.48 -5.22
N GLU A 58 4.22 9.04 -5.33
CA GLU A 58 3.63 7.93 -4.57
C GLU A 58 3.45 8.24 -3.09
N SER A 59 3.77 9.46 -2.63
CA SER A 59 3.71 9.72 -1.20
C SER A 59 2.29 9.72 -0.68
N PHE A 60 1.33 10.25 -1.46
CA PHE A 60 -0.05 10.27 -1.00
C PHE A 60 -0.58 8.84 -0.81
N ASN A 61 -0.26 7.96 -1.76
CA ASN A 61 -0.69 6.56 -1.64
C ASN A 61 -0.04 5.87 -0.44
N ARG A 62 1.25 6.10 -0.22
CA ARG A 62 1.90 5.52 0.95
C ARG A 62 1.34 6.10 2.24
N TRP A 63 0.95 7.38 2.21
CA TRP A 63 0.27 8.00 3.36
C TRP A 63 -1.04 7.29 3.70
N LEU A 64 -1.84 6.98 2.68
CA LEU A 64 -3.08 6.22 2.91
C LEU A 64 -2.80 4.91 3.64
N LEU A 65 -1.75 4.20 3.23
CA LEU A 65 -1.39 2.94 3.88
C LEU A 65 -0.95 3.17 5.32
N GLU A 66 -0.01 4.09 5.54
CA GLU A 66 0.47 4.33 6.89
C GLU A 66 -0.68 4.74 7.81
N ARG A 67 -1.55 5.63 7.33
CA ARG A 67 -2.63 6.12 8.18
C ARG A 67 -3.55 4.97 8.58
N LYS A 68 -3.78 4.03 7.65
CA LYS A 68 -4.70 2.95 7.99
C LYS A 68 -4.13 2.01 9.06
N VAL A 69 -2.82 2.03 9.29
CA VAL A 69 -2.29 1.21 10.37
C VAL A 69 -2.85 1.67 11.71
N VAL A 70 -3.08 2.97 11.88
CA VAL A 70 -3.50 3.51 13.18
C VAL A 70 -4.90 4.09 13.16
N ASP A 71 -5.55 4.21 11.99
CA ASP A 71 -6.83 4.88 11.89
C ASP A 71 -7.92 4.12 12.64
N LYS A 72 -8.68 4.85 13.45
CA LYS A 72 -9.83 4.29 14.15
C LYS A 72 -11.15 4.82 13.59
N GLY A 73 -11.11 5.49 12.44
CA GLY A 73 -12.25 6.21 11.92
C GLY A 73 -13.12 5.34 11.02
N LEU A 74 -14.11 5.98 10.42
CA LEU A 74 -15.25 5.29 9.81
C LEU A 74 -15.12 5.06 8.31
N ASP A 75 -14.10 5.63 7.65
CA ASP A 75 -14.09 5.42 6.19
C ASP A 75 -13.19 4.25 5.81
N PRO A 76 -13.56 3.44 4.81
CA PRO A 76 -12.70 2.33 4.40
C PRO A 76 -11.44 2.76 3.68
N LEU A 77 -11.37 4.00 3.17
CA LEU A 77 -10.22 4.45 2.37
C LEU A 77 -9.48 5.58 3.04
N LEU A 78 -10.18 6.63 3.46
CA LEU A 78 -9.55 7.86 3.93
C LEU A 78 -9.42 7.88 5.45
N PRO A 79 -8.34 8.47 5.96
CA PRO A 79 -8.16 8.53 7.42
C PRO A 79 -8.96 9.66 8.07
N SER A 80 -9.28 9.47 9.34
CA SER A 80 -10.06 10.47 10.06
C SER A 80 -9.89 10.43 11.57
N GLU A 81 -9.24 9.39 12.11
CA GLU A 81 -9.03 9.40 13.58
C GLU A 81 -7.73 8.67 13.87
N CYS A 82 -6.62 9.42 13.76
CA CYS A 82 -5.27 8.86 13.82
C CYS A 82 -4.47 9.56 14.90
N ASP A 83 -3.77 8.76 15.71
CA ASP A 83 -2.76 9.21 16.65
C ASP A 83 -1.46 8.52 16.25
N PRO A 84 -0.41 9.26 15.82
CA PRO A 84 -0.27 10.72 15.81
C PRO A 84 -0.93 11.38 14.61
N VAL A 85 -1.27 12.66 14.78
CA VAL A 85 -1.88 13.42 13.68
C VAL A 85 -0.90 13.53 12.50
N ILE A 86 0.37 13.79 12.79
CA ILE A 86 1.40 13.94 11.75
C ILE A 86 1.87 12.56 11.30
N SER A 87 1.68 12.25 10.02
CA SER A 87 2.18 10.99 9.46
C SER A 87 3.69 11.00 9.36
N PRO A 88 4.39 10.07 10.01
CA PRO A 88 5.85 9.99 9.81
C PRO A 88 6.22 9.63 8.38
N SER A 89 5.34 8.93 7.67
CA SER A 89 5.62 8.56 6.28
C SER A 89 5.62 9.79 5.39
N MET A 90 4.53 10.55 5.40
CA MET A 90 4.47 11.76 4.58
C MET A 90 5.56 12.74 4.97
N PHE A 91 5.80 12.90 6.27
CA PHE A 91 6.83 13.85 6.71
C PHE A 91 8.19 13.48 6.11
N ARG A 92 8.56 12.21 6.26
CA ARG A 92 9.84 11.71 5.77
C ARG A 92 9.97 11.91 4.25
N GLU A 93 8.89 11.67 3.50
CA GLU A 93 8.98 11.74 2.04
C GLU A 93 9.05 13.19 1.55
N ILE A 94 8.32 14.11 2.19
CA ILE A 94 8.40 15.52 1.79
C ILE A 94 9.78 16.08 2.12
N MET A 95 10.32 15.74 3.28
CA MET A 95 11.61 16.28 3.67
C MET A 95 12.72 15.85 2.73
N ASN A 96 12.60 14.65 2.15
CA ASN A 96 13.64 14.19 1.24
C ASN A 96 13.66 14.96 -0.08
N ASP A 97 12.59 15.68 -0.40
CA ASP A 97 12.54 16.53 -1.59
C ASP A 97 12.74 18.01 -1.27
N ILE A 98 13.32 18.35 -0.12
CA ILE A 98 13.57 19.74 0.25
C ILE A 98 15.08 19.97 0.26
N PRO A 99 15.57 21.03 -0.40
CA PRO A 99 14.77 22.07 -1.06
C PRO A 99 14.31 21.72 -2.46
N ILE A 100 14.79 20.62 -3.05
CA ILE A 100 14.33 20.17 -4.36
C ILE A 100 14.30 18.65 -4.41
N ARG A 101 13.54 18.12 -5.36
CA ARG A 101 13.58 16.69 -5.63
C ARG A 101 14.80 16.36 -6.48
N LEU A 102 15.58 15.36 -6.06
CA LEU A 102 16.70 14.89 -6.87
C LEU A 102 16.17 13.99 -7.98
N SER A 103 16.49 14.32 -9.21
CA SER A 103 16.03 13.57 -10.37
C SER A 103 17.14 12.69 -10.93
N ARG A 104 16.76 11.77 -11.82
CA ARG A 104 17.73 10.85 -12.40
C ARG A 104 18.67 11.58 -13.35
N ILE A 105 19.93 11.19 -13.34
CA ILE A 105 20.97 11.82 -14.13
C ILE A 105 21.53 10.80 -15.11
N LYS A 106 21.58 11.16 -16.39
CA LYS A 106 22.27 10.37 -17.40
C LYS A 106 23.52 11.06 -17.94
N TYR A 107 23.49 12.37 -18.11
CA TYR A 107 24.56 13.11 -18.77
C TYR A 107 25.26 14.04 -17.80
N LYS A 108 26.52 14.33 -18.12
CA LYS A 108 27.33 15.25 -17.33
C LYS A 108 26.64 16.60 -17.17
N GLU A 109 25.99 17.10 -18.22
CA GLU A 109 25.33 18.40 -18.13
C GLU A 109 24.13 18.35 -17.20
N GLU A 110 23.42 17.23 -17.16
CA GLU A 110 22.30 17.10 -16.24
C GLU A 110 22.77 17.08 -14.79
N ALA A 111 23.93 16.48 -14.53
CA ALA A 111 24.46 16.47 -13.17
C ALA A 111 24.88 17.87 -12.73
N ARG A 112 25.56 18.61 -13.60
CA ARG A 112 25.93 19.98 -13.29
C ARG A 112 24.70 20.84 -13.02
N LYS A 113 23.66 20.71 -13.84
CA LYS A 113 22.45 21.50 -13.63
C LYS A 113 21.77 21.15 -12.31
N LEU A 114 21.73 19.86 -11.95
CA LEU A 114 21.08 19.50 -10.69
C LEU A 114 21.83 20.07 -9.50
N LEU A 115 23.16 20.04 -9.54
CA LEU A 115 23.97 20.60 -8.46
C LEU A 115 23.71 22.08 -8.32
N PHE A 116 23.71 22.81 -9.44
CA PHE A 116 23.40 24.23 -9.38
C PHE A 116 22.00 24.47 -8.85
N LYS A 117 21.03 23.70 -9.34
CA LYS A 117 19.64 23.86 -8.91
C LYS A 117 19.52 23.64 -7.39
N TYR A 118 20.23 22.64 -6.86
CA TYR A 118 20.20 22.44 -5.41
C TYR A 118 20.78 23.64 -4.68
N ALA A 119 21.96 24.09 -5.11
CA ALA A 119 22.63 25.20 -4.42
C ALA A 119 21.78 26.46 -4.47
N GLU A 120 21.21 26.76 -5.64
CA GLU A 120 20.36 27.93 -5.79
C GLU A 120 19.12 27.86 -4.90
N ALA A 121 18.49 26.69 -4.82
CA ALA A 121 17.28 26.54 -3.99
C ALA A 121 17.60 26.66 -2.50
N ALA A 122 18.73 26.10 -2.08
CA ALA A 122 19.12 26.23 -0.67
C ALA A 122 19.37 27.69 -0.32
N LYS A 123 19.95 28.45 -1.25
CA LYS A 123 20.20 29.86 -0.99
C LYS A 123 18.90 30.65 -0.88
N LYS A 124 17.96 30.40 -1.80
CA LYS A 124 16.68 31.10 -1.72
C LYS A 124 15.95 30.78 -0.42
N MET A 125 16.08 29.55 0.06
CA MET A 125 15.52 29.15 1.33
C MET A 125 16.06 30.01 2.47
N ILE A 126 17.38 30.12 2.56
CA ILE A 126 18.02 30.89 3.63
C ILE A 126 17.76 32.39 3.47
N ASP A 127 17.62 32.86 2.22
CA ASP A 127 17.40 34.28 2.01
C ASP A 127 15.98 34.70 2.41
N SER A 128 15.01 33.79 2.32
CA SER A 128 13.62 34.19 2.42
C SER A 128 12.87 33.62 3.63
N ARG A 129 13.51 32.77 4.44
CA ARG A 129 12.80 32.12 5.54
C ARG A 129 13.55 32.31 6.86
N ASN A 130 12.83 32.04 7.96
CA ASN A 130 13.42 32.13 9.27
C ASN A 130 14.43 31.00 9.47
N VAL A 131 15.62 31.35 9.93
CA VAL A 131 16.72 30.40 10.09
C VAL A 131 17.64 30.92 11.19
N THR A 132 18.22 30.00 11.96
CA THR A 132 19.13 30.43 13.01
C THR A 132 20.42 30.95 12.40
N PRO A 133 21.12 31.84 13.11
CA PRO A 133 22.40 32.33 12.57
C PRO A 133 23.42 31.23 12.29
N GLU A 134 23.49 30.20 13.13
CA GLU A 134 24.44 29.12 12.87
C GLU A 134 24.10 28.39 11.57
N SER A 135 22.83 28.02 11.39
CA SER A 135 22.44 27.31 10.18
C SER A 135 22.62 28.19 8.95
N ARG A 136 22.31 29.49 9.08
CA ARG A 136 22.44 30.38 7.94
C ARG A 136 23.88 30.44 7.44
N LYS A 137 24.85 30.57 8.35
CA LYS A 137 26.22 30.72 7.91
C LYS A 137 26.77 29.42 7.31
N VAL A 138 26.32 28.26 7.80
CA VAL A 138 26.81 26.99 7.26
C VAL A 138 26.29 26.78 5.85
N VAL A 139 24.99 27.00 5.64
CA VAL A 139 24.44 26.85 4.28
C VAL A 139 25.06 27.88 3.35
N LYS A 140 25.13 29.13 3.79
CA LYS A 140 25.69 30.19 2.95
C LYS A 140 27.11 29.85 2.52
N TRP A 141 27.92 29.34 3.45
CA TRP A 141 29.28 28.97 3.10
C TRP A 141 29.31 27.85 2.07
N ASN A 142 28.51 26.80 2.29
CA ASN A 142 28.52 25.68 1.35
C ASN A 142 28.00 26.08 -0.03
N VAL A 143 26.94 26.89 -0.07
CA VAL A 143 26.44 27.34 -1.37
C VAL A 143 27.50 28.17 -2.08
N GLU A 144 28.10 29.13 -1.37
CA GLU A 144 29.13 29.97 -1.97
C GLU A 144 30.33 29.14 -2.44
N ASP A 145 30.70 28.11 -1.66
CA ASP A 145 31.82 27.27 -2.07
C ASP A 145 31.49 26.52 -3.37
N THR A 146 30.27 25.98 -3.46
CA THR A 146 29.86 25.29 -4.67
C THR A 146 29.84 26.23 -5.88
N MET A 147 29.33 27.46 -5.69
CA MET A 147 29.29 28.39 -6.81
C MET A 147 30.69 28.81 -7.23
N ASN A 148 31.62 28.94 -6.28
CA ASN A 148 33.01 29.21 -6.62
C ASN A 148 33.61 28.05 -7.41
N TRP A 149 33.33 26.82 -6.99
CA TRP A 149 33.83 25.64 -7.69
C TRP A 149 33.28 25.56 -9.11
N LEU A 150 31.99 25.82 -9.28
CA LEU A 150 31.40 25.83 -10.62
C LEU A 150 31.97 26.94 -11.48
N ARG A 151 32.52 27.98 -10.86
CA ARG A 151 33.10 29.11 -11.56
C ARG A 151 34.48 28.80 -12.14
N ARG A 152 35.07 27.67 -11.79
CA ARG A 152 36.41 27.34 -12.26
C ARG A 152 36.39 27.04 -13.76
N ASP A 153 37.54 27.29 -14.40
CA ASP A 153 37.69 27.13 -15.84
C ASP A 153 37.54 25.66 -16.26
N HIS A 154 38.49 24.82 -15.87
CA HIS A 154 38.49 23.43 -16.31
C HIS A 154 37.38 22.66 -15.62
N SER A 155 36.54 22.00 -16.42
CA SER A 155 35.35 21.34 -15.91
C SER A 155 35.69 19.95 -15.37
N ALA A 156 34.81 19.47 -14.49
CA ALA A 156 34.93 18.14 -13.90
C ALA A 156 34.04 17.15 -14.65
N SER A 157 34.05 15.90 -14.19
CA SER A 157 33.30 14.83 -14.83
C SER A 157 31.87 14.78 -14.30
N LYS A 158 31.06 13.90 -14.90
CA LYS A 158 29.70 13.69 -14.42
C LYS A 158 29.69 13.14 -13.00
N GLU A 159 30.58 12.18 -12.71
CA GLU A 159 30.63 11.60 -11.38
C GLU A 159 31.09 12.62 -10.35
N ASP A 160 31.99 13.52 -10.75
CA ASP A 160 32.43 14.57 -9.83
C ASP A 160 31.28 15.53 -9.49
N TYR A 161 30.46 15.88 -10.48
CA TYR A 161 29.27 16.69 -10.19
C TYR A 161 28.32 15.96 -9.26
N MET A 162 28.12 14.65 -9.48
CA MET A 162 27.23 13.89 -8.60
C MET A 162 27.82 13.80 -7.18
N ASP A 163 29.12 13.57 -7.07
CA ASP A 163 29.76 13.50 -5.75
C ASP A 163 29.68 14.85 -5.04
N ARG A 164 29.85 15.94 -5.80
CA ARG A 164 29.74 17.27 -5.22
C ARG A 164 28.32 17.50 -4.69
N LEU A 165 27.30 17.00 -5.40
CA LEU A 165 25.93 17.18 -4.91
C LEU A 165 25.68 16.36 -3.65
N GLU A 166 26.14 15.10 -3.64
CA GLU A 166 25.98 14.26 -2.47
C GLU A 166 26.62 14.89 -1.24
N ASN A 167 27.83 15.44 -1.39
CA ASN A 167 28.50 16.11 -0.29
C ASN A 167 27.75 17.38 0.12
N LEU A 168 27.33 18.18 -0.86
CA LEU A 168 26.61 19.41 -0.55
C LEU A 168 25.34 19.12 0.22
N ARG A 169 24.59 18.12 -0.24
CA ARG A 169 23.36 17.73 0.43
C ARG A 169 23.63 17.18 1.83
N LYS A 170 24.75 16.48 2.00
CA LYS A 170 25.10 15.96 3.32
C LYS A 170 25.33 17.10 4.31
N GLN A 171 26.01 18.17 3.86
CA GLN A 171 26.30 19.29 4.74
C GLN A 171 25.08 20.15 4.98
N CYS A 172 24.31 20.45 3.93
CA CYS A 172 23.19 21.37 4.06
C CYS A 172 21.95 20.71 4.64
N GLY A 173 21.80 19.41 4.42
CA GLY A 173 20.61 18.66 4.72
C GLY A 173 19.99 18.94 6.07
N PRO A 174 20.73 18.72 7.16
CA PRO A 174 20.15 18.94 8.49
C PRO A 174 19.72 20.37 8.73
N HIS A 175 20.45 21.34 8.16
CA HIS A 175 20.10 22.74 8.34
C HIS A 175 18.84 23.10 7.56
N VAL A 176 18.75 22.64 6.31
CA VAL A 176 17.55 22.85 5.54
C VAL A 176 16.36 22.15 6.19
N ALA A 177 16.60 20.97 6.74
CA ALA A 177 15.53 20.25 7.43
C ALA A 177 14.98 21.05 8.61
N SER A 178 15.89 21.63 9.40
CA SER A 178 15.45 22.43 10.55
C SER A 178 14.66 23.65 10.14
N VAL A 179 14.98 24.24 8.98
CA VAL A 179 14.23 25.39 8.48
C VAL A 179 12.80 24.99 8.08
N ALA A 180 12.64 23.83 7.44
CA ALA A 180 11.36 23.45 6.87
C ALA A 180 10.51 22.57 7.78
N LYS A 181 11.07 22.09 8.90
CA LYS A 181 10.40 21.06 9.71
C LYS A 181 8.97 21.45 10.07
N ASP A 182 8.78 22.63 10.69
CA ASP A 182 7.44 22.97 11.17
C ASP A 182 6.46 23.19 10.02
N SER A 183 6.95 23.75 8.90
CA SER A 183 6.11 23.89 7.71
C SER A 183 5.66 22.54 7.17
N VAL A 184 6.57 21.57 7.13
CA VAL A 184 6.24 20.25 6.59
C VAL A 184 5.26 19.53 7.50
N GLU A 185 5.48 19.60 8.82
CA GLU A 185 4.50 19.04 9.75
C GLU A 185 3.11 19.64 9.52
N GLY A 186 3.07 20.93 9.17
CA GLY A 186 1.79 21.58 8.93
C GLY A 186 1.07 21.03 7.71
N ILE A 187 1.82 20.65 6.66
CA ILE A 187 1.20 20.00 5.51
C ILE A 187 0.58 18.68 5.92
N CYS A 188 1.33 17.87 6.68
CA CYS A 188 0.86 16.56 7.12
C CYS A 188 -0.42 16.68 7.96
N SER A 189 -0.46 17.66 8.88
CA SER A 189 -1.64 17.82 9.71
C SER A 189 -2.82 18.34 8.91
N LYS A 190 -2.59 19.32 8.04
CA LYS A 190 -3.73 19.91 7.32
C LYS A 190 -4.39 18.89 6.40
N ILE A 191 -3.59 18.09 5.71
CA ILE A 191 -4.19 17.14 4.77
C ILE A 191 -4.95 16.05 5.53
N TYR A 192 -4.46 15.67 6.71
CA TYR A 192 -5.23 14.77 7.58
C TYR A 192 -6.54 15.40 8.03
N HIS A 193 -6.52 16.67 8.42
CA HIS A 193 -7.75 17.28 8.91
C HIS A 193 -8.76 17.52 7.78
N ILE A 194 -8.27 17.81 6.56
CA ILE A 194 -9.21 17.91 5.44
C ILE A 194 -9.82 16.54 5.16
N SER A 195 -8.98 15.51 5.20
CA SER A 195 -9.48 14.14 5.02
C SER A 195 -10.61 13.84 6.00
N ALA A 196 -10.42 14.20 7.27
CA ALA A 196 -11.44 13.91 8.28
C ALA A 196 -12.76 14.61 7.96
N GLU A 197 -12.69 15.84 7.42
CA GLU A 197 -13.91 16.54 7.04
C GLU A 197 -14.61 15.83 5.89
N TYR A 198 -13.84 15.41 4.89
CA TYR A 198 -14.42 14.66 3.77
C TYR A 198 -15.05 13.35 4.24
N VAL A 199 -14.38 12.66 5.19
CA VAL A 199 -14.91 11.41 5.72
C VAL A 199 -16.26 11.63 6.38
N ARG A 200 -16.41 12.73 7.13
CA ARG A 200 -17.69 13.04 7.75
C ARG A 200 -18.77 13.27 6.69
N ARG A 201 -18.41 13.94 5.59
CA ARG A 201 -19.39 14.20 4.52
C ARG A 201 -19.84 12.90 3.86
N ILE A 202 -18.90 12.00 3.58
CA ILE A 202 -19.22 10.73 2.94
C ILE A 202 -20.08 9.89 3.86
N ARG A 203 -19.71 9.85 5.14
CA ARG A 203 -20.44 9.07 6.14
C ARG A 203 -21.89 9.52 6.24
N GLN A 204 -22.12 10.84 6.32
CA GLN A 204 -23.49 11.34 6.39
C GLN A 204 -24.27 11.02 5.11
N ALA A 205 -23.62 11.17 3.95
CA ALA A 205 -24.31 10.82 2.69
C ALA A 205 -24.69 9.35 2.66
N HIS A 206 -23.79 8.48 3.13
CA HIS A 206 -24.05 7.04 3.09
C HIS A 206 -25.15 6.67 4.08
N LEU A 207 -25.16 7.30 5.26
CA LEU A 207 -26.24 7.07 6.22
C LEU A 207 -27.58 7.53 5.67
N THR A 208 -27.61 8.68 4.99
CA THR A 208 -28.85 9.20 4.42
C THR A 208 -29.36 8.29 3.31
N LEU A 209 -28.46 7.73 2.50
CA LEU A 209 -28.90 6.81 1.45
C LEU A 209 -29.55 5.56 2.04
N LEU A 210 -28.93 4.96 3.06
CA LEU A 210 -29.52 3.76 3.66
C LEU A 210 -30.87 4.06 4.30
N LYS A 211 -31.00 5.23 4.94
CA LYS A 211 -32.29 5.64 5.48
C LYS A 211 -33.33 5.80 4.37
N GLU A 212 -32.91 6.38 3.24
CA GLU A 212 -33.79 6.50 2.08
C GLU A 212 -34.27 5.12 1.61
N CYS A 213 -33.45 4.09 1.79
CA CYS A 213 -33.81 2.72 1.45
C CYS A 213 -34.52 1.99 2.59
N ASN A 214 -34.86 2.69 3.66
CA ASN A 214 -35.48 2.08 4.85
C ASN A 214 -34.65 0.92 5.40
N ILE A 215 -33.34 1.08 5.40
CA ILE A 215 -32.43 0.07 5.93
C ILE A 215 -31.90 0.55 7.28
N SER A 216 -32.07 -0.28 8.31
CA SER A 216 -31.62 0.07 9.64
C SER A 216 -30.12 -0.17 9.79
N VAL A 217 -29.44 0.78 10.43
CA VAL A 217 -28.02 0.67 10.73
C VAL A 217 -27.76 0.16 12.15
N ASP A 218 -28.79 0.01 12.98
CA ASP A 218 -28.59 -0.46 14.34
C ASP A 218 -28.71 -1.98 14.45
N VAL A 225 -19.15 -18.03 16.90
CA VAL A 225 -18.88 -17.61 18.26
C VAL A 225 -17.38 -17.72 18.55
N GLN A 226 -16.90 -16.93 19.52
CA GLN A 226 -15.47 -16.69 19.68
C GLN A 226 -14.65 -17.94 19.92
N ASP A 227 -15.25 -19.02 20.43
CA ASP A 227 -14.48 -20.22 20.73
C ASP A 227 -14.47 -21.23 19.59
N ARG A 228 -15.42 -21.16 18.67
CA ARG A 228 -15.55 -22.16 17.62
C ARG A 228 -14.56 -21.86 16.49
N LEU A 229 -13.66 -22.81 16.20
CA LEU A 229 -12.74 -22.67 15.07
C LEU A 229 -13.40 -23.19 13.80
N VAL A 230 -13.23 -22.45 12.70
CA VAL A 230 -13.80 -22.80 11.40
C VAL A 230 -12.77 -22.48 10.31
N TYR A 231 -12.94 -23.10 9.15
CA TYR A 231 -12.16 -22.62 8.01
C TYR A 231 -12.57 -21.20 7.67
N CYS A 232 -11.61 -20.41 7.21
CA CYS A 232 -11.87 -18.99 6.96
C CYS A 232 -12.93 -18.82 5.87
N TYR A 233 -13.51 -17.62 5.83
CA TYR A 233 -14.61 -17.32 4.91
C TYR A 233 -14.64 -15.81 4.70
N PRO A 234 -15.26 -15.34 3.62
CA PRO A 234 -15.24 -13.91 3.32
C PRO A 234 -15.89 -13.07 4.41
N VAL A 235 -15.42 -11.83 4.55
CA VAL A 235 -16.07 -10.89 5.47
C VAL A 235 -17.50 -10.68 5.03
N ARG A 236 -18.44 -10.83 5.98
CA ARG A 236 -19.86 -10.56 5.81
C ARG A 236 -20.27 -9.26 6.48
N LEU A 237 -21.23 -8.58 5.87
CA LEU A 237 -21.75 -7.33 6.44
C LEU A 237 -23.05 -7.60 7.18
N SER A 238 -23.17 -7.03 8.38
CA SER A 238 -24.39 -7.18 9.15
C SER A 238 -25.52 -6.30 8.61
N ILE A 239 -25.22 -5.17 8.00
CA ILE A 239 -26.25 -4.26 7.51
C ILE A 239 -26.72 -4.74 6.13
N PRO A 240 -28.03 -4.89 5.90
CA PRO A 240 -28.50 -5.34 4.59
C PRO A 240 -28.05 -4.41 3.47
N ALA A 241 -27.74 -4.99 2.31
CA ALA A 241 -27.26 -4.13 1.23
C ALA A 241 -28.43 -3.37 0.60
N PRO A 242 -28.17 -2.17 0.11
CA PRO A 242 -29.22 -1.41 -0.59
C PRO A 242 -29.50 -2.02 -1.96
N PRO A 243 -30.60 -1.63 -2.60
CA PRO A 243 -30.92 -2.20 -3.92
C PRO A 243 -29.86 -1.88 -4.95
N GLN A 244 -29.76 -2.77 -5.95
CA GLN A 244 -28.92 -2.50 -7.10
C GLN A 244 -29.28 -1.15 -7.70
N THR A 245 -28.29 -0.51 -8.33
CA THR A 245 -28.54 0.67 -9.14
C THR A 245 -28.27 0.31 -10.59
N ARG A 246 -28.57 1.25 -11.49
CA ARG A 246 -28.40 1.01 -12.92
C ARG A 246 -26.93 1.15 -13.29
N VAL A 247 -26.27 0.02 -13.57
CA VAL A 247 -24.91 0.01 -14.11
C VAL A 247 -24.95 -0.76 -15.42
N GLU A 248 -24.42 -0.15 -16.47
CA GLU A 248 -24.48 -0.70 -17.83
C GLU A 248 -23.13 -1.31 -18.20
N LEU A 249 -23.18 -2.51 -18.77
CA LEU A 249 -21.97 -3.23 -19.19
C LEU A 249 -21.98 -3.43 -20.69
N HIS A 250 -20.85 -3.13 -21.33
CA HIS A 250 -20.60 -3.61 -22.69
C HIS A 250 -19.10 -3.83 -22.84
N PHE A 251 -18.72 -4.66 -23.80
CA PHE A 251 -17.32 -4.99 -24.03
C PHE A 251 -16.86 -4.30 -25.30
N GLU A 252 -15.65 -3.71 -25.24
CA GLU A 252 -14.96 -3.14 -26.39
C GLU A 252 -13.54 -3.69 -26.42
N ASN A 253 -13.21 -4.45 -27.47
CA ASN A 253 -11.83 -4.93 -27.68
C ASN A 253 -11.28 -5.62 -26.43
N ASP A 254 -12.08 -6.54 -25.89
CA ASP A 254 -11.74 -7.34 -24.73
C ASP A 254 -11.56 -6.50 -23.47
N ILE A 255 -12.17 -5.31 -23.43
CA ILE A 255 -12.20 -4.49 -22.22
C ILE A 255 -13.64 -4.38 -21.76
N ALA A 256 -13.90 -4.74 -20.51
CA ALA A 256 -15.23 -4.58 -19.94
C ALA A 256 -15.41 -3.13 -19.52
N CYS A 257 -16.45 -2.48 -20.05
CA CYS A 257 -16.74 -1.08 -19.75
C CYS A 257 -18.04 -1.01 -18.94
N LEU A 258 -17.96 -0.48 -17.73
CA LEU A 258 -19.11 -0.37 -16.84
C LEU A 258 -19.40 1.10 -16.57
N ARG A 259 -20.63 1.51 -16.87
CA ARG A 259 -21.01 2.92 -16.80
C ARG A 259 -22.08 3.11 -15.73
N PHE A 260 -21.80 3.98 -14.76
CA PHE A 260 -22.77 4.38 -13.75
C PHE A 260 -22.99 5.87 -13.89
N LYS A 261 -24.22 6.26 -14.22
CA LYS A 261 -24.63 7.66 -14.34
C LYS A 261 -23.63 8.47 -15.17
N GLY A 262 -23.23 7.91 -16.31
CA GLY A 262 -22.28 8.55 -17.18
C GLY A 262 -20.82 8.43 -16.77
N GLU A 263 -20.53 7.82 -15.63
CA GLU A 263 -19.16 7.64 -15.16
C GLU A 263 -18.69 6.23 -15.48
N MET A 264 -17.65 6.14 -16.31
CA MET A 264 -17.16 4.88 -16.84
C MET A 264 -15.96 4.37 -16.04
N VAL A 265 -15.95 3.06 -15.79
CA VAL A 265 -14.74 2.38 -15.34
C VAL A 265 -14.51 1.19 -16.27
N LYS A 266 -13.24 0.79 -16.39
CA LYS A 266 -12.86 -0.28 -17.32
C LYS A 266 -12.00 -1.30 -16.61
N VAL A 267 -12.16 -2.56 -17.01
CA VAL A 267 -11.34 -3.67 -16.51
C VAL A 267 -11.23 -4.67 -17.66
N SER A 268 -10.14 -5.43 -17.70
CA SER A 268 -9.97 -6.37 -18.80
C SER A 268 -11.02 -7.46 -18.73
N ARG A 269 -11.33 -8.05 -19.90
CA ARG A 269 -12.29 -9.14 -19.94
C ARG A 269 -11.87 -10.28 -19.03
N GLY A 270 -10.58 -10.63 -19.06
CA GLY A 270 -10.11 -11.72 -18.22
C GLY A 270 -10.30 -11.46 -16.74
N HIS A 271 -10.05 -10.22 -16.30
CA HIS A 271 -10.26 -9.90 -14.90
C HIS A 271 -11.74 -9.88 -14.56
N PHE A 272 -12.56 -9.41 -15.49
CA PHE A 272 -14.01 -9.41 -15.29
C PHE A 272 -14.52 -10.83 -15.06
N ASN A 273 -14.11 -11.76 -15.94
CA ASN A 273 -14.54 -13.16 -15.77
C ASN A 273 -14.02 -13.72 -14.46
N LYS A 274 -12.82 -13.32 -14.05
CA LYS A 274 -12.31 -13.69 -12.73
C LYS A 274 -13.21 -13.18 -11.61
N LEU A 275 -13.63 -11.91 -11.70
CA LEU A 275 -14.48 -11.36 -10.65
C LEU A 275 -15.83 -12.07 -10.60
N GLU A 276 -16.36 -12.47 -11.75
CA GLU A 276 -17.61 -13.22 -11.77
C GLU A 276 -17.46 -14.53 -11.00
N LEU A 277 -16.32 -15.20 -11.19
CA LEU A 277 -16.08 -16.47 -10.50
C LEU A 277 -15.86 -16.25 -9.00
N LEU A 278 -15.04 -15.25 -8.63
CA LEU A 278 -14.86 -14.94 -7.22
C LEU A 278 -16.19 -14.61 -6.54
N TYR A 279 -17.07 -13.91 -7.23
CA TYR A 279 -18.38 -13.54 -6.67
C TYR A 279 -19.24 -14.76 -6.46
N ARG A 280 -19.20 -15.72 -7.40
CA ARG A 280 -19.93 -16.97 -7.22
C ARG A 280 -19.42 -17.74 -6.01
N TYR A 281 -18.11 -17.71 -5.79
CA TYR A 281 -17.52 -18.45 -4.67
C TYR A 281 -17.68 -17.73 -3.35
N SER A 282 -17.93 -16.41 -3.36
CA SER A 282 -17.79 -15.62 -2.14
C SER A 282 -19.03 -14.88 -1.70
N CYS A 283 -19.97 -14.57 -2.59
CA CYS A 283 -21.12 -13.73 -2.25
C CYS A 283 -22.32 -14.61 -1.93
N ILE A 284 -23.02 -14.31 -0.84
CA ILE A 284 -24.15 -15.13 -0.44
C ILE A 284 -25.46 -14.34 -0.39
N ASP A 285 -25.46 -13.08 -0.81
CA ASP A 285 -26.68 -12.28 -0.70
C ASP A 285 -27.23 -11.84 -2.05
N ASP A 286 -26.84 -12.53 -3.14
CA ASP A 286 -27.20 -12.03 -4.45
C ASP A 286 -27.36 -13.19 -5.43
N PRO A 287 -28.33 -14.08 -5.19
CA PRO A 287 -28.39 -15.33 -5.97
C PRO A 287 -28.69 -15.13 -7.43
N ARG A 288 -29.26 -13.99 -7.83
CA ARG A 288 -29.57 -13.74 -9.22
C ARG A 288 -28.65 -12.68 -9.83
N PHE A 289 -27.56 -12.36 -9.16
CA PHE A 289 -26.54 -11.43 -9.64
C PHE A 289 -27.09 -10.04 -9.90
N GLU A 290 -28.22 -9.69 -9.29
CA GLU A 290 -28.80 -8.36 -9.50
C GLU A 290 -27.85 -7.25 -9.03
N LYS A 291 -27.06 -7.49 -7.99
CA LYS A 291 -26.18 -6.46 -7.42
C LYS A 291 -24.75 -6.54 -7.94
N PHE A 292 -24.49 -7.52 -8.81
CA PHE A 292 -23.12 -7.81 -9.24
C PHE A 292 -22.48 -6.62 -9.95
N LEU A 293 -23.16 -6.05 -10.96
CA LEU A 293 -22.52 -4.95 -11.70
C LEU A 293 -22.36 -3.70 -10.84
N SER A 294 -23.33 -3.43 -9.96
CA SER A 294 -23.15 -2.33 -9.01
C SER A 294 -21.88 -2.52 -8.20
N ARG A 295 -21.63 -3.75 -7.75
CA ARG A 295 -20.48 -4.01 -6.89
C ARG A 295 -19.18 -4.05 -7.68
N VAL A 296 -19.19 -4.56 -8.91
CA VAL A 296 -17.97 -4.51 -9.71
C VAL A 296 -17.59 -3.06 -9.98
N TRP A 297 -18.59 -2.21 -10.27
CA TRP A 297 -18.29 -0.81 -10.53
C TRP A 297 -17.65 -0.18 -9.30
N CYS A 298 -18.19 -0.46 -8.11
CA CYS A 298 -17.61 0.09 -6.88
C CYS A 298 -16.18 -0.42 -6.67
N LEU A 299 -15.96 -1.71 -6.94
CA LEU A 299 -14.65 -2.32 -6.71
C LEU A 299 -13.59 -1.67 -7.60
N ILE A 300 -13.85 -1.60 -8.91
CA ILE A 300 -12.88 -1.01 -9.84
C ILE A 300 -12.65 0.46 -9.47
N LYS A 301 -13.72 1.19 -9.20
CA LYS A 301 -13.57 2.61 -8.89
C LYS A 301 -12.75 2.81 -7.61
N ARG A 302 -13.01 2.01 -6.57
CA ARG A 302 -12.25 2.11 -5.32
C ARG A 302 -10.76 1.91 -5.55
N TYR A 303 -10.40 0.88 -6.33
CA TYR A 303 -8.97 0.65 -6.56
C TYR A 303 -8.37 1.69 -7.51
N GLN A 304 -9.14 2.22 -8.46
CA GLN A 304 -8.65 3.35 -9.26
C GLN A 304 -8.35 4.57 -8.39
N VAL A 305 -9.22 4.81 -7.41
CA VAL A 305 -9.05 5.96 -6.51
C VAL A 305 -7.83 5.75 -5.63
N MET A 306 -7.71 4.54 -5.06
CA MET A 306 -6.57 4.20 -4.21
C MET A 306 -5.25 4.46 -4.92
N PHE A 307 -5.17 4.11 -6.21
CA PHE A 307 -3.93 4.29 -6.95
C PHE A 307 -3.75 5.71 -7.46
N GLY A 308 -4.83 6.40 -7.78
CA GLY A 308 -4.73 7.71 -8.38
C GLY A 308 -4.82 7.74 -9.89
N SER A 309 -5.06 6.60 -10.53
CA SER A 309 -5.28 6.55 -11.97
C SER A 309 -5.98 5.24 -12.36
N GLY A 316 4.70 1.88 -8.17
CA GLY A 316 5.90 2.05 -7.36
C GLY A 316 5.63 1.87 -5.88
N LEU A 317 4.57 1.13 -5.57
CA LEU A 317 4.14 0.90 -4.20
C LEU A 317 4.03 -0.58 -3.84
N GLN A 318 4.08 -1.48 -4.82
CA GLN A 318 3.88 -2.89 -4.55
C GLN A 318 4.39 -3.69 -5.75
N GLY A 319 4.60 -4.99 -5.52
CA GLY A 319 5.01 -5.88 -6.59
C GLY A 319 4.24 -7.19 -6.49
N SER A 320 4.18 -7.89 -7.62
CA SER A 320 3.47 -9.16 -7.71
C SER A 320 4.45 -10.31 -7.94
N LEU A 321 3.93 -11.56 -7.77
CA LEU A 321 4.71 -12.79 -7.90
C LEU A 321 4.27 -13.59 -9.11
N PRO A 322 5.21 -14.18 -9.84
CA PRO A 322 4.86 -14.97 -11.02
C PRO A 322 4.01 -16.17 -10.64
N VAL A 323 3.13 -16.56 -11.57
CA VAL A 323 2.27 -17.73 -11.34
C VAL A 323 3.05 -18.99 -10.97
N PRO A 324 4.12 -19.38 -11.67
CA PRO A 324 4.84 -20.61 -11.28
C PRO A 324 5.38 -20.56 -9.85
N VAL A 325 5.61 -19.37 -9.30
CA VAL A 325 6.04 -19.26 -7.91
C VAL A 325 4.89 -19.59 -6.97
N PHE A 326 3.70 -19.09 -7.25
CA PHE A 326 2.54 -19.46 -6.42
C PHE A 326 2.25 -20.95 -6.53
N GLU A 327 2.38 -21.51 -7.73
CA GLU A 327 2.21 -22.95 -7.88
C GLU A 327 3.22 -23.71 -7.01
N ALA A 328 4.46 -23.24 -6.95
CA ALA A 328 5.47 -23.92 -6.16
C ALA A 328 5.22 -23.72 -4.66
N LEU A 329 4.76 -22.52 -4.26
CA LEU A 329 4.42 -22.28 -2.87
C LEU A 329 3.30 -23.20 -2.40
N ASN A 330 2.29 -23.41 -3.24
CA ASN A 330 1.21 -24.32 -2.91
C ASN A 330 1.66 -25.78 -2.89
N LYS A 331 2.43 -26.19 -3.91
CA LYS A 331 2.78 -27.59 -4.02
C LYS A 331 3.85 -27.98 -3.00
N GLN A 332 4.83 -27.11 -2.76
CA GLN A 332 5.94 -27.44 -1.87
C GLN A 332 5.66 -27.11 -0.42
N PHE A 333 4.88 -26.05 -0.15
CA PHE A 333 4.70 -25.58 1.22
C PHE A 333 3.23 -25.48 1.62
N GLY A 334 2.31 -25.97 0.80
CA GLY A 334 0.90 -26.01 1.16
C GLY A 334 0.22 -24.67 1.27
N VAL A 335 0.80 -23.62 0.68
CA VAL A 335 0.23 -22.28 0.80
C VAL A 335 -1.11 -22.24 0.08
N THR A 336 -2.12 -21.65 0.75
CA THR A 336 -3.44 -21.53 0.17
C THR A 336 -3.99 -20.11 0.22
N PHE A 337 -3.23 -19.13 0.73
CA PHE A 337 -3.81 -17.88 1.18
C PHE A 337 -2.78 -16.76 1.03
N GLU A 338 -3.21 -15.61 0.52
CA GLU A 338 -2.38 -14.42 0.40
C GLU A 338 -2.74 -13.41 1.51
N CYS A 339 -1.74 -13.05 2.33
CA CYS A 339 -1.95 -12.07 3.39
C CYS A 339 -2.18 -10.65 2.86
N PHE A 340 -1.70 -10.34 1.66
CA PHE A 340 -1.81 -9.01 1.08
C PHE A 340 -2.18 -9.18 -0.39
N ALA A 341 -3.41 -8.81 -0.75
CA ALA A 341 -3.87 -8.98 -2.11
C ALA A 341 -5.04 -8.06 -2.36
N SER A 342 -5.60 -8.14 -3.56
CA SER A 342 -6.86 -7.54 -3.96
C SER A 342 -7.63 -8.56 -4.78
N PRO A 343 -8.95 -8.37 -4.95
CA PRO A 343 -9.67 -9.27 -5.87
C PRO A 343 -9.07 -9.26 -7.26
N LEU A 344 -8.47 -8.15 -7.68
CA LEU A 344 -7.91 -8.11 -9.02
C LEU A 344 -6.60 -8.89 -9.12
N ASN A 345 -5.75 -8.87 -8.08
CA ASN A 345 -4.43 -9.48 -8.23
C ASN A 345 -4.25 -10.80 -7.49
N CYS A 346 -5.27 -11.28 -6.76
CA CYS A 346 -5.09 -12.51 -5.98
C CYS A 346 -4.86 -13.70 -6.88
N TYR A 347 -4.10 -14.68 -6.37
CA TYR A 347 -3.91 -15.98 -7.01
C TYR A 347 -4.90 -17.02 -6.48
N PHE A 348 -5.11 -17.00 -5.17
CA PHE A 348 -6.08 -17.85 -4.49
C PHE A 348 -7.40 -17.12 -4.30
N LYS A 349 -8.47 -17.90 -4.07
CA LYS A 349 -9.76 -17.27 -3.86
C LYS A 349 -9.96 -16.85 -2.41
N GLN A 350 -8.99 -17.13 -1.54
CA GLN A 350 -9.01 -16.62 -0.17
C GLN A 350 -7.75 -15.80 0.06
N PHE A 351 -7.92 -14.61 0.64
CA PHE A 351 -6.87 -13.60 0.75
C PHE A 351 -7.39 -12.51 1.69
N CYS A 352 -6.46 -11.75 2.25
CA CYS A 352 -6.76 -10.50 2.94
C CYS A 352 -6.55 -9.33 1.98
N SER A 353 -7.28 -8.24 2.23
CA SER A 353 -7.20 -7.07 1.36
C SER A 353 -7.57 -5.82 2.15
N ALA A 354 -7.39 -4.67 1.52
CA ALA A 354 -7.50 -3.41 2.25
C ALA A 354 -8.95 -3.00 2.54
N PHE A 355 -9.92 -3.49 1.76
CA PHE A 355 -11.25 -2.90 1.67
C PHE A 355 -12.32 -3.95 1.91
N PRO A 356 -12.53 -4.35 3.16
CA PRO A 356 -13.53 -5.41 3.41
C PRO A 356 -14.94 -5.06 2.96
N ASP A 357 -15.31 -3.77 2.99
CA ASP A 357 -16.68 -3.38 2.66
C ASP A 357 -17.07 -3.79 1.25
N ILE A 358 -16.15 -3.72 0.30
CA ILE A 358 -16.41 -4.12 -1.07
C ILE A 358 -15.68 -5.41 -1.46
N ASP A 359 -14.50 -5.68 -0.92
CA ASP A 359 -13.73 -6.85 -1.38
C ASP A 359 -14.29 -8.17 -0.86
N GLY A 360 -15.05 -8.15 0.25
CA GLY A 360 -15.59 -9.39 0.79
C GLY A 360 -16.48 -10.13 -0.18
N PHE A 361 -17.19 -9.39 -1.04
CA PHE A 361 -18.06 -10.04 -2.03
C PHE A 361 -17.24 -10.81 -3.04
N PHE A 362 -15.93 -10.58 -3.09
CA PHE A 362 -15.04 -11.22 -4.07
C PHE A 362 -13.98 -12.06 -3.38
N GLY A 363 -14.17 -12.38 -2.09
CA GLY A 363 -13.32 -13.35 -1.42
C GLY A 363 -12.46 -12.80 -0.30
N SER A 364 -12.44 -11.49 -0.07
CA SER A 364 -11.55 -10.95 0.94
C SER A 364 -11.96 -11.37 2.34
N ARG A 365 -10.96 -11.71 3.14
CA ARG A 365 -11.14 -11.95 4.57
C ARG A 365 -10.88 -10.70 5.41
N GLY A 366 -10.76 -9.55 4.77
CA GLY A 366 -10.55 -8.29 5.45
C GLY A 366 -9.08 -7.94 5.54
N PRO A 367 -8.78 -6.81 6.20
CA PRO A 367 -7.37 -6.39 6.30
C PRO A 367 -6.56 -7.35 7.16
N PHE A 368 -5.28 -7.49 6.81
CA PHE A 368 -4.46 -8.53 7.41
C PHE A 368 -4.31 -8.35 8.92
N LEU A 369 -4.11 -7.11 9.38
CA LEU A 369 -3.91 -6.90 10.81
C LEU A 369 -5.14 -7.25 11.64
N SER A 370 -6.31 -7.41 11.02
CA SER A 370 -7.52 -7.82 11.69
C SER A 370 -7.83 -9.30 11.51
N PHE A 371 -6.94 -10.03 10.83
CA PHE A 371 -7.13 -11.44 10.51
C PHE A 371 -6.27 -12.27 11.45
N SER A 372 -6.88 -13.24 12.16
CA SER A 372 -6.19 -13.96 13.22
C SER A 372 -6.33 -15.47 13.04
N PRO A 373 -5.54 -16.07 12.15
CA PRO A 373 -5.62 -17.52 11.96
C PRO A 373 -4.91 -18.28 13.08
N ALA A 374 -5.51 -19.41 13.44
CA ALA A 374 -4.87 -20.36 14.35
C ALA A 374 -3.97 -21.34 13.62
N SER A 375 -4.21 -21.56 12.33
CA SER A 375 -3.40 -22.50 11.56
C SER A 375 -3.60 -22.18 10.09
N GLY A 376 -2.70 -22.74 9.27
CA GLY A 376 -2.71 -22.50 7.84
C GLY A 376 -1.32 -22.17 7.33
N SER A 377 -1.19 -22.23 6.00
CA SER A 377 0.06 -21.93 5.31
C SER A 377 -0.17 -20.71 4.42
N PHE A 378 0.62 -19.66 4.63
CA PHE A 378 0.34 -18.35 4.05
C PHE A 378 1.54 -17.81 3.30
N GLU A 379 1.24 -16.97 2.30
CA GLU A 379 2.21 -16.14 1.60
C GLU A 379 1.93 -14.68 1.93
N ALA A 380 2.98 -13.86 2.02
CA ALA A 380 2.81 -12.45 2.32
C ALA A 380 3.74 -11.63 1.44
N ASN A 381 3.17 -10.76 0.62
CA ASN A 381 3.93 -9.84 -0.24
C ASN A 381 3.37 -8.44 0.00
N PRO A 382 3.78 -7.77 1.08
CA PRO A 382 3.10 -6.53 1.49
C PRO A 382 3.44 -5.37 0.57
N PRO A 383 2.58 -4.36 0.52
CA PRO A 383 2.96 -3.10 -0.14
C PRO A 383 4.10 -2.45 0.60
N PHE A 384 4.78 -1.54 -0.09
CA PHE A 384 6.02 -0.95 0.42
C PHE A 384 5.70 0.24 1.33
N CYS A 385 5.14 -0.10 2.49
CA CYS A 385 4.88 0.86 3.56
C CYS A 385 5.58 0.36 4.81
N GLU A 386 6.60 1.11 5.28
CA GLU A 386 7.41 0.64 6.40
C GLU A 386 6.55 0.42 7.64
N GLU A 387 5.58 1.31 7.88
CA GLU A 387 4.77 1.20 9.09
C GLU A 387 3.88 -0.03 9.04
N LEU A 388 3.26 -0.28 7.89
CA LEU A 388 2.45 -1.49 7.73
C LEU A 388 3.30 -2.74 7.87
N MET A 389 4.50 -2.74 7.29
CA MET A 389 5.36 -3.91 7.40
C MET A 389 5.77 -4.17 8.85
N ASP A 390 5.98 -3.12 9.63
CA ASP A 390 6.35 -3.30 11.02
C ASP A 390 5.21 -3.90 11.83
N ALA A 391 3.98 -3.40 11.60
CA ALA A 391 2.82 -3.97 12.26
C ALA A 391 2.59 -5.41 11.81
N MET A 392 2.90 -5.71 10.55
CA MET A 392 2.77 -7.06 10.02
C MET A 392 3.66 -8.03 10.78
N VAL A 393 4.90 -7.64 11.05
CA VAL A 393 5.84 -8.51 11.75
C VAL A 393 5.36 -8.77 13.17
N THR A 394 4.95 -7.71 13.88
CA THR A 394 4.38 -7.89 15.21
C THR A 394 3.20 -8.86 15.17
N HIS A 395 2.35 -8.72 14.15
CA HIS A 395 1.18 -9.58 14.03
C HIS A 395 1.58 -11.03 13.78
N PHE A 396 2.56 -11.24 12.89
CA PHE A 396 3.09 -12.59 12.66
C PHE A 396 3.45 -13.27 13.96
N GLU A 397 4.32 -12.63 14.74
CA GLU A 397 4.84 -13.25 15.95
C GLU A 397 3.76 -13.42 17.01
N ASP A 398 2.78 -12.52 17.05
CA ASP A 398 1.65 -12.70 17.97
C ASP A 398 0.87 -13.95 17.62
N LEU A 399 0.61 -14.17 16.34
CA LEU A 399 -0.15 -15.34 15.91
C LEU A 399 0.66 -16.61 16.07
N LEU A 400 1.95 -16.57 15.73
CA LEU A 400 2.77 -17.78 15.83
C LEU A 400 2.94 -18.21 17.28
N GLY A 401 2.89 -17.28 18.22
CA GLY A 401 3.06 -17.60 19.62
C GLY A 401 1.77 -17.95 20.32
N ARG A 402 0.64 -17.58 19.72
CA ARG A 402 -0.67 -17.87 20.32
C ARG A 402 -1.18 -19.27 19.98
N SER A 403 -0.59 -19.94 19.00
CA SER A 403 -1.12 -21.19 18.50
C SER A 403 -0.05 -22.27 18.45
N SER A 404 -0.43 -23.48 18.81
CA SER A 404 0.42 -24.65 18.64
C SER A 404 0.05 -25.48 17.42
N GLU A 405 -0.93 -25.04 16.65
CA GLU A 405 -1.33 -25.69 15.42
C GLU A 405 -0.43 -25.25 14.27
N PRO A 406 -0.34 -26.05 13.21
CA PRO A 406 0.61 -25.74 12.13
C PRO A 406 0.34 -24.38 11.49
N LEU A 407 1.32 -23.49 11.58
CA LEU A 407 1.15 -22.11 11.14
C LEU A 407 2.45 -21.65 10.50
N SER A 408 2.37 -21.25 9.22
CA SER A 408 3.55 -20.84 8.45
C SER A 408 3.26 -19.59 7.64
N PHE A 409 4.25 -18.69 7.57
CA PHE A 409 4.18 -17.49 6.75
C PHE A 409 5.45 -17.41 5.92
N ILE A 410 5.31 -17.33 4.60
CA ILE A 410 6.45 -17.15 3.70
C ILE A 410 6.34 -15.74 3.13
N ILE A 411 7.34 -14.92 3.44
CA ILE A 411 7.24 -13.47 3.29
C ILE A 411 8.24 -13.00 2.24
N PHE A 412 7.78 -12.13 1.34
CA PHE A 412 8.60 -11.55 0.28
C PHE A 412 8.66 -10.04 0.48
N VAL A 413 9.86 -9.51 0.67
CA VAL A 413 10.06 -8.06 0.82
C VAL A 413 11.32 -7.63 0.10
N PRO A 414 11.41 -6.36 -0.28
CA PRO A 414 12.62 -5.86 -0.94
C PRO A 414 13.84 -5.98 -0.03
N GLU A 415 14.93 -6.48 -0.61
CA GLU A 415 16.24 -6.54 0.07
C GLU A 415 16.86 -5.15 0.08
N TRP A 416 16.39 -4.32 1.00
CA TRP A 416 16.93 -2.97 1.17
C TRP A 416 17.75 -2.92 2.45
N ARG A 417 18.98 -2.39 2.33
CA ARG A 417 19.92 -2.37 3.45
C ARG A 417 20.51 -0.98 3.69
N ASP A 418 19.98 0.06 3.05
CA ASP A 418 20.56 1.40 3.13
C ASP A 418 19.49 2.43 3.48
N PRO A 419 18.95 2.39 4.70
CA PRO A 419 19.15 1.39 5.75
C PRO A 419 18.06 0.31 5.64
N PRO A 420 18.26 -0.85 6.26
CA PRO A 420 17.19 -1.85 6.27
C PRO A 420 15.98 -1.35 7.03
N THR A 421 14.79 -1.72 6.54
CA THR A 421 13.59 -1.35 7.25
C THR A 421 13.57 -2.05 8.60
N PRO A 422 12.99 -1.42 9.64
CA PRO A 422 12.85 -2.12 10.93
C PRO A 422 12.15 -3.45 10.82
N ALA A 423 11.19 -3.59 9.91
CA ALA A 423 10.50 -4.87 9.74
C ALA A 423 11.46 -5.96 9.31
N LEU A 424 12.32 -5.67 8.33
CA LEU A 424 13.23 -6.71 7.83
C LEU A 424 14.23 -7.11 8.90
N THR A 425 14.69 -6.15 9.68
CA THR A 425 15.60 -6.47 10.79
C THR A 425 14.92 -7.34 11.83
N ARG A 426 13.66 -7.05 12.14
CA ARG A 426 12.96 -7.82 13.16
C ARG A 426 12.66 -9.23 12.68
N MET A 427 12.32 -9.38 11.40
CA MET A 427 12.05 -10.72 10.86
C MET A 427 13.30 -11.59 10.84
N GLU A 428 14.47 -10.98 10.59
CA GLU A 428 15.71 -11.74 10.59
C GLU A 428 16.14 -12.14 11.99
N ALA A 429 15.63 -11.47 13.01
CA ALA A 429 15.93 -11.77 14.40
C ALA A 429 14.79 -12.50 15.09
N SER A 430 13.78 -12.94 14.34
CA SER A 430 12.62 -13.58 14.95
C SER A 430 12.97 -14.99 15.43
N ARG A 431 12.39 -15.36 16.58
CA ARG A 431 12.59 -16.71 17.09
C ARG A 431 11.82 -17.75 16.28
N PHE A 432 11.08 -17.34 15.26
CA PHE A 432 10.34 -18.25 14.40
C PHE A 432 10.97 -18.40 13.02
N ARG A 433 12.07 -17.71 12.75
CA ARG A 433 12.69 -17.79 11.43
C ARG A 433 13.28 -19.17 11.20
N ARG A 434 12.81 -19.85 10.16
CA ARG A 434 13.28 -21.19 9.83
C ARG A 434 14.19 -21.23 8.61
N HIS A 435 14.19 -20.19 7.79
CA HIS A 435 15.00 -20.14 6.58
C HIS A 435 14.88 -18.75 5.97
N GLN A 436 15.92 -18.35 5.24
CA GLN A 436 15.92 -17.08 4.54
C GLN A 436 16.78 -17.22 3.29
N MET A 437 16.39 -16.55 2.22
CA MET A 437 17.13 -16.60 0.96
C MET A 437 16.81 -15.34 0.16
N THR A 438 17.46 -15.23 -1.00
CA THR A 438 17.28 -14.10 -1.91
C THR A 438 16.82 -14.64 -3.26
N VAL A 439 15.76 -14.03 -3.80
CA VAL A 439 15.26 -14.37 -5.13
C VAL A 439 15.30 -13.09 -5.96
N PRO A 440 15.12 -13.16 -7.29
CA PRO A 440 15.10 -11.94 -8.10
C PRO A 440 14.10 -10.91 -7.59
N ALA A 441 14.44 -9.64 -7.82
CA ALA A 441 13.65 -8.52 -7.32
C ALA A 441 12.31 -8.44 -8.03
N PHE A 442 11.40 -7.65 -7.44
CA PHE A 442 10.09 -7.44 -8.02
C PHE A 442 10.20 -6.77 -9.38
N GLU A 443 9.51 -7.33 -10.36
CA GLU A 443 9.48 -6.80 -11.72
C GLU A 443 8.04 -6.71 -12.19
N HIS A 444 7.83 -5.94 -13.25
CA HIS A 444 6.48 -5.75 -13.78
C HIS A 444 5.91 -7.06 -14.30
N GLU A 445 4.77 -7.47 -13.73
CA GLU A 445 4.04 -8.64 -14.19
C GLU A 445 2.93 -8.19 -15.12
N TYR A 446 2.83 -8.86 -16.28
CA TYR A 446 1.92 -8.40 -17.32
C TYR A 446 0.45 -8.48 -16.89
N ARG A 447 0.09 -9.51 -16.14
CA ARG A 447 -1.30 -9.66 -15.70
C ARG A 447 -1.79 -8.46 -14.89
N ILE A 464 15.39 -3.18 -5.95
CA ILE A 464 16.49 -2.91 -6.88
C ILE A 464 17.54 -4.02 -6.77
N HIS A 465 17.93 -4.35 -5.54
CA HIS A 465 18.91 -5.42 -5.33
C HIS A 465 18.26 -6.78 -5.55
N GLY A 466 17.30 -7.13 -4.72
CA GLY A 466 16.63 -8.40 -4.83
C GLY A 466 15.50 -8.47 -3.85
N THR A 467 14.89 -9.66 -3.76
CA THR A 467 13.78 -9.91 -2.85
C THR A 467 14.23 -10.87 -1.75
N ALA A 468 14.04 -10.45 -0.51
CA ALA A 468 14.29 -11.34 0.62
C ALA A 468 13.08 -12.22 0.83
N VAL A 469 13.30 -13.53 0.96
CA VAL A 469 12.25 -14.50 1.23
C VAL A 469 12.51 -15.07 2.62
N ILE A 470 11.57 -14.86 3.54
CA ILE A 470 11.74 -15.25 4.93
C ILE A 470 10.63 -16.23 5.30
N PHE A 471 11.02 -17.35 5.93
CA PHE A 471 10.09 -18.37 6.39
C PHE A 471 9.93 -18.23 7.91
N LEU A 472 8.73 -17.85 8.35
CA LEU A 472 8.41 -17.76 9.76
C LEU A 472 7.37 -18.83 10.09
N GLN A 473 7.74 -19.76 10.97
CA GLN A 473 6.91 -20.92 11.29
C GLN A 473 7.03 -21.26 12.76
N ASN A 474 5.89 -21.64 13.36
CA ASN A 474 5.97 -22.21 14.71
C ASN A 474 6.44 -23.66 14.61
N ASN A 475 6.58 -24.31 15.77
CA ASN A 475 7.10 -25.67 15.79
C ASN A 475 6.27 -26.59 14.90
N ALA A 476 4.94 -26.56 15.06
CA ALA A 476 4.07 -27.44 14.27
C ALA A 476 4.14 -27.08 12.79
N GLY A 477 4.19 -25.79 12.47
CA GLY A 477 4.34 -25.39 11.08
C GLY A 477 5.66 -25.86 10.49
N PHE A 478 6.73 -25.80 11.29
CA PHE A 478 8.03 -26.26 10.81
C PHE A 478 8.07 -27.76 10.61
N ALA A 479 7.30 -28.51 11.42
CA ALA A 479 7.24 -29.96 11.23
C ALA A 479 6.47 -30.32 9.98
N LYS A 480 5.36 -29.62 9.70
CA LYS A 480 4.51 -29.99 8.58
C LYS A 480 5.06 -29.48 7.26
N TRP A 481 5.53 -28.23 7.23
CA TRP A 481 5.96 -27.60 5.99
C TRP A 481 7.42 -27.17 6.09
N GLU A 482 8.31 -28.11 6.42
CA GLU A 482 9.71 -27.79 6.63
C GLU A 482 10.35 -27.27 5.34
N PRO A 483 11.13 -26.20 5.39
CA PRO A 483 11.87 -25.78 4.18
C PRO A 483 13.12 -26.63 3.98
N THR A 484 12.90 -27.85 3.48
CA THR A 484 14.00 -28.74 3.18
C THR A 484 14.73 -28.28 1.91
N THR A 485 15.88 -28.90 1.64
CA THR A 485 16.67 -28.52 0.48
C THR A 485 15.88 -28.71 -0.81
N GLU A 486 15.19 -29.85 -0.94
CA GLU A 486 14.47 -30.14 -2.18
C GLU A 486 13.30 -29.18 -2.38
N ARG A 487 12.57 -28.86 -1.30
CA ARG A 487 11.46 -27.92 -1.43
C ARG A 487 11.96 -26.52 -1.78
N ILE A 488 13.04 -26.08 -1.13
CA ILE A 488 13.64 -24.80 -1.49
C ILE A 488 14.11 -24.81 -2.93
N GLN A 489 14.65 -25.94 -3.39
CA GLN A 489 15.15 -26.02 -4.77
C GLN A 489 14.02 -25.91 -5.78
N GLU A 490 12.87 -26.52 -5.49
CA GLU A 490 11.75 -26.44 -6.42
C GLU A 490 11.16 -25.03 -6.44
N LEU A 491 11.14 -24.35 -5.30
CA LEU A 491 10.69 -22.97 -5.26
C LEU A 491 11.62 -22.07 -6.08
N LEU A 492 12.93 -22.24 -5.93
CA LEU A 492 13.87 -21.47 -6.73
C LEU A 492 13.70 -21.76 -8.22
N ALA A 493 13.44 -23.02 -8.56
CA ALA A 493 13.24 -23.41 -9.96
C ALA A 493 12.04 -22.70 -10.59
N ALA A 494 11.07 -22.26 -9.78
CA ALA A 494 9.92 -21.55 -10.34
C ALA A 494 10.28 -20.20 -10.94
N TYR A 495 11.47 -19.68 -10.66
CA TYR A 495 11.95 -18.47 -11.33
C TYR A 495 12.69 -18.78 -12.62
N LYS A 496 13.42 -19.89 -12.67
CA LYS A 496 14.17 -20.28 -13.87
C LYS A 496 13.28 -20.39 -15.10
N SAH B . -1.39 -10.70 -4.16
CA SAH B . -0.15 -10.41 -4.89
CB SAH B . 0.11 -8.91 -4.91
CG SAH B . 0.48 -8.19 -3.62
SD SAH B . 0.56 -6.38 -3.84
C SAH B . 1.01 -11.19 -4.29
O SAH B . 2.07 -11.33 -4.91
OXT SAH B . 0.89 -11.73 -3.18
C5' SAH B . 0.13 -5.97 -2.12
C4' SAH B . -1.38 -5.93 -1.87
O4' SAH B . -1.66 -5.66 -0.49
C3' SAH B . -2.14 -4.87 -2.68
O3' SAH B . -3.13 -5.52 -3.46
C2' SAH B . -2.73 -3.96 -1.61
O2' SAH B . -3.92 -3.28 -1.92
C1' SAH B . -2.88 -4.95 -0.46
N9 SAH B . -3.11 -4.33 0.85
C8 SAH B . -2.97 -3.01 1.25
N7 SAH B . -3.29 -2.94 2.57
C5 SAH B . -3.61 -4.19 3.01
C6 SAH B . -4.02 -4.68 4.25
N6 SAH B . -4.13 -3.89 5.32
N1 SAH B . -4.28 -6.03 4.38
C2 SAH B . -4.16 -6.88 3.29
N3 SAH B . -3.77 -6.40 2.06
C4 SAH B . -3.49 -5.07 1.93
C1 EDO C . -5.80 2.85 2.33
O1 EDO C . -7.19 2.99 2.63
C2 EDO C . -5.45 1.37 2.17
O2 EDO C . -5.88 0.65 3.35
C1 EDO D . -25.52 -1.38 -4.75
O1 EDO D . -24.10 -1.49 -4.62
C2 EDO D . -26.14 -2.75 -4.50
O2 EDO D . -26.07 -3.12 -3.12
#